data_6NDQ
#
_entry.id   6NDQ
#
_cell.length_a   37.207
_cell.length_b   109.574
_cell.length_c   42.775
_cell.angle_alpha   90.00
_cell.angle_beta   113.46
_cell.angle_gamma   90.00
#
_symmetry.space_group_name_H-M   'P 1 21 1'
#
loop_
_entity.id
_entity.type
_entity.pdbx_description
1 polymer 'lytic polysaccharide monooxygenase'
2 water water
#
_entity_poly.entity_id   1
_entity_poly.type   'polypeptide(L)'
_entity_poly.pdbx_seq_one_letter_code
;HGSVVDPASRNYGCWLRWGDDFQNPAMEQEDPMCWQAWQADPNAMWNWNGLYRNGSGGDFPAAVPDGQLCSGGRTESGRY
DSLDSVGAWKTTDITDDFTVKLYDQASHGADYFQVYVTRQGFDPAAEALTWSDLQLVAETGRYAPSQNYEIPVTTSGLSG
RHVVYTIWQASHMDQTYFLCSDVNFTHHHHHH
;
_entity_poly.pdbx_strand_id   A,B
#
# COMPACT_ATOMS: atom_id res chain seq x y z
N HIS A 1 -8.35 7.60 -0.30
CA HIS A 1 -7.36 7.89 0.74
C HIS A 1 -5.95 7.52 0.24
N GLY A 2 -4.92 8.04 0.89
CA GLY A 2 -3.57 7.80 0.42
C GLY A 2 -2.57 8.67 1.16
N SER A 3 -1.37 8.81 0.56
CA SER A 3 -0.27 9.53 1.19
C SER A 3 0.76 9.89 0.12
N VAL A 4 1.80 10.61 0.54
CA VAL A 4 2.97 10.85 -0.28
C VAL A 4 3.86 9.62 -0.14
N VAL A 5 4.19 8.99 -1.28
CA VAL A 5 4.99 7.77 -1.29
C VAL A 5 6.40 8.04 -1.75
N ASP A 6 6.64 9.16 -2.37
CA ASP A 6 7.98 9.53 -2.81
C ASP A 6 8.07 11.05 -2.85
N PRO A 7 8.87 11.69 -1.98
CA PRO A 7 9.64 11.10 -0.87
C PRO A 7 8.68 10.59 0.20
N ALA A 8 8.79 9.33 0.59
CA ALA A 8 7.77 8.67 1.41
C ALA A 8 7.49 9.50 2.66
N SER A 9 6.21 9.61 3.02
CA SER A 9 5.89 10.29 4.26
C SER A 9 6.38 9.48 5.47
N ARG A 10 6.31 10.09 6.66
CA ARG A 10 6.81 9.42 7.86
C ARG A 10 6.08 8.11 8.11
N ASN A 11 4.75 8.14 8.13
CA ASN A 11 4.08 6.89 8.47
C ASN A 11 3.98 5.92 7.30
N TYR A 12 3.95 6.39 6.05
CA TYR A 12 3.98 5.46 4.92
C TYR A 12 5.31 4.72 4.92
N GLY A 13 6.40 5.45 5.16
CA GLY A 13 7.73 4.84 5.19
C GLY A 13 7.91 3.87 6.36
N CYS A 14 7.43 4.25 7.55
CA CYS A 14 7.49 3.31 8.68
C CYS A 14 6.72 2.03 8.40
N TRP A 15 5.56 2.14 7.75
CA TRP A 15 4.78 0.95 7.38
C TRP A 15 5.52 0.10 6.34
N LEU A 16 5.97 0.73 5.26
CA LEU A 16 6.61 -0.02 4.19
C LEU A 16 7.85 -0.72 4.70
N ARG A 17 8.64 -0.03 5.53
CA ARG A 17 9.92 -0.62 5.93
C ARG A 17 9.75 -1.65 7.06
N TRP A 18 8.72 -1.53 7.90
CA TRP A 18 8.63 -2.37 9.10
C TRP A 18 7.34 -3.17 9.25
N GLY A 19 6.40 -3.03 8.33
CA GLY A 19 5.10 -3.65 8.54
C GLY A 19 5.15 -5.16 8.69
N ASP A 20 6.14 -5.80 8.07
CA ASP A 20 6.27 -7.24 8.16
C ASP A 20 6.93 -7.71 9.45
N ASP A 21 7.61 -6.81 10.16
CA ASP A 21 8.35 -7.16 11.36
C ASP A 21 8.24 -6.03 12.37
N PHE A 22 7.01 -5.58 12.62
CA PHE A 22 6.78 -4.33 13.33
C PHE A 22 7.09 -4.42 14.82
N GLN A 23 7.28 -5.63 15.36
CA GLN A 23 7.55 -5.78 16.78
C GLN A 23 9.02 -5.92 17.08
N ASN A 24 9.85 -5.96 16.06
CA ASN A 24 11.29 -6.18 16.19
C ASN A 24 11.94 -5.19 17.15
N PRO A 25 12.47 -5.65 18.29
CA PRO A 25 13.13 -4.74 19.25
C PRO A 25 14.34 -4.03 18.69
N ALA A 26 15.00 -4.58 17.66
CA ALA A 26 16.15 -3.94 17.06
C ALA A 26 15.80 -2.61 16.39
N MET A 27 14.51 -2.42 16.04
CA MET A 27 14.05 -1.15 15.48
C MET A 27 14.37 0.02 16.40
N GLU A 28 14.49 -0.23 17.71
CA GLU A 28 14.85 0.83 18.63
C GLU A 28 16.21 1.43 18.27
N GLN A 29 17.14 0.60 17.86
CA GLN A 29 18.42 1.13 17.44
C GLN A 29 18.41 1.55 15.97
N GLU A 30 17.90 0.68 15.09
CA GLU A 30 18.01 0.89 13.64
C GLU A 30 17.11 2.00 13.11
N ASP A 31 15.96 2.26 13.74
CA ASP A 31 15.03 3.31 13.27
C ASP A 31 14.26 3.84 14.47
N PRO A 32 14.92 4.62 15.35
CA PRO A 32 14.25 5.05 16.60
C PRO A 32 12.92 5.75 16.39
N MET A 33 12.79 6.57 15.34
CA MET A 33 11.56 7.33 15.19
C MET A 33 10.41 6.42 14.77
N CYS A 34 10.68 5.45 13.87
CA CYS A 34 9.63 4.48 13.57
C CYS A 34 9.30 3.63 14.80
N TRP A 35 10.32 3.26 15.58
CA TRP A 35 10.10 2.44 16.78
C TRP A 35 9.17 3.15 17.77
N GLN A 36 9.46 4.42 18.09
CA GLN A 36 8.59 5.12 19.03
C GLN A 36 7.21 5.31 18.45
N ALA A 37 7.08 5.38 17.12
CA ALA A 37 5.75 5.47 16.50
C ALA A 37 5.01 4.14 16.57
N TRP A 38 5.65 3.03 16.19
CA TRP A 38 5.02 1.72 16.33
C TRP A 38 4.61 1.45 17.79
N GLN A 39 5.46 1.83 18.75
CA GLN A 39 5.15 1.64 20.17
C GLN A 39 3.90 2.39 20.57
N ALA A 40 3.80 3.66 20.17
CA ALA A 40 2.72 4.51 20.66
C ALA A 40 1.38 4.13 20.03
N ASP A 41 1.38 3.88 18.72
CA ASP A 41 0.15 3.48 18.05
C ASP A 41 0.47 2.83 16.71
N PRO A 42 0.49 1.48 16.65
CA PRO A 42 0.67 0.80 15.37
C PRO A 42 -0.32 1.24 14.32
N ASN A 43 -1.49 1.77 14.72
CA ASN A 43 -2.45 2.20 13.72
C ASN A 43 -2.00 3.45 12.97
N ALA A 44 -1.02 4.20 13.49
CA ALA A 44 -0.42 5.28 12.70
C ALA A 44 0.14 4.74 11.42
N MET A 45 0.60 3.49 11.44
CA MET A 45 1.14 2.85 10.26
C MET A 45 0.12 1.95 9.56
N TRP A 46 -0.63 1.12 10.28
CA TRP A 46 -1.65 0.30 9.63
C TRP A 46 -2.64 1.16 8.85
N ASN A 47 -3.05 2.29 9.43
CA ASN A 47 -3.95 3.25 8.79
C ASN A 47 -3.18 4.42 8.18
N TRP A 48 -2.04 4.13 7.56
CA TRP A 48 -1.18 5.20 7.04
C TRP A 48 -1.93 6.08 6.06
N ASN A 49 -2.91 5.53 5.33
CA ASN A 49 -3.59 6.28 4.29
C ASN A 49 -4.66 7.20 4.83
N GLY A 50 -4.86 7.27 6.15
CA GLY A 50 -5.95 8.03 6.71
C GLY A 50 -5.60 9.33 7.41
N LEU A 51 -4.47 9.95 7.07
CA LEU A 51 -3.98 11.12 7.81
C LEU A 51 -4.63 12.40 7.28
N TYR A 52 -5.93 12.58 7.61
CA TYR A 52 -6.68 13.71 7.11
C TYR A 52 -7.58 14.29 8.20
N ARG A 53 -7.95 15.56 8.01
CA ARG A 53 -9.02 16.23 8.73
C ARG A 53 -10.15 16.53 7.75
N ASN A 54 -11.37 16.55 8.26
CA ASN A 54 -12.55 16.94 7.51
C ASN A 54 -12.97 18.34 7.92
N GLY A 55 -13.27 19.18 6.94
CA GLY A 55 -13.84 20.48 7.23
C GLY A 55 -12.87 21.59 7.59
N SER A 56 -11.68 21.62 6.98
CA SER A 56 -10.71 22.64 7.38
C SER A 56 -10.94 23.97 6.65
N GLY A 57 -11.55 23.94 5.47
CA GLY A 57 -11.86 25.17 4.76
C GLY A 57 -10.68 26.01 4.34
N GLY A 58 -9.54 25.39 4.05
CA GLY A 58 -8.38 26.12 3.57
C GLY A 58 -7.60 26.89 4.61
N ASP A 59 -8.15 27.10 5.81
CA ASP A 59 -7.43 27.74 6.90
C ASP A 59 -6.67 26.65 7.64
N PHE A 60 -5.43 26.42 7.23
CA PHE A 60 -4.69 25.25 7.66
C PHE A 60 -3.99 25.46 9.00
N PRO A 61 -3.31 26.58 9.24
CA PRO A 61 -2.76 26.80 10.59
C PRO A 61 -3.84 26.89 11.67
N ALA A 62 -5.09 27.22 11.31
CA ALA A 62 -6.12 27.36 12.33
C ALA A 62 -6.54 26.01 12.90
N ALA A 63 -6.37 24.93 12.13
CA ALA A 63 -6.76 23.60 12.58
C ALA A 63 -5.56 22.73 12.95
N VAL A 64 -4.35 23.18 12.63
CA VAL A 64 -3.13 22.40 12.84
C VAL A 64 -2.14 23.25 13.65
N PRO A 65 -2.13 23.14 14.97
CA PRO A 65 -1.22 23.97 15.77
C PRO A 65 0.25 23.62 15.57
N ASP A 66 1.09 24.58 15.91
CA ASP A 66 2.53 24.38 15.91
C ASP A 66 2.89 23.12 16.69
N GLY A 67 3.93 22.42 16.23
CA GLY A 67 4.32 21.15 16.81
C GLY A 67 3.39 19.99 16.52
N GLN A 68 2.26 20.23 15.84
CA GLN A 68 1.32 19.16 15.48
C GLN A 68 1.15 19.00 13.97
N LEU A 69 2.08 19.51 13.16
CA LEU A 69 1.88 19.49 11.71
C LEU A 69 1.87 18.07 11.16
N CYS A 70 2.71 17.18 11.67
CA CYS A 70 2.78 15.86 11.06
C CYS A 70 1.66 14.93 11.53
N SER A 71 1.07 15.21 12.68
CA SER A 71 -0.06 14.45 13.18
C SER A 71 -1.35 15.03 12.66
N GLY A 72 -1.24 16.09 11.87
CA GLY A 72 -2.43 16.71 11.31
C GLY A 72 -3.27 17.34 12.38
N GLY A 73 -2.64 17.99 13.37
CA GLY A 73 -3.34 18.55 14.51
C GLY A 73 -4.05 17.53 15.37
N ARG A 74 -3.43 16.39 15.60
CA ARG A 74 -3.97 15.36 16.46
C ARG A 74 -5.32 14.86 15.93
N THR A 75 -5.46 14.86 14.59
CA THR A 75 -6.63 14.27 13.98
C THR A 75 -6.81 12.81 14.41
N GLU A 76 -8.04 12.32 14.30
CA GLU A 76 -8.39 10.95 14.68
C GLU A 76 -7.96 10.62 16.12
N SER A 77 -8.21 11.56 17.04
CA SER A 77 -7.90 11.39 18.47
C SER A 77 -6.42 11.06 18.70
N GLY A 78 -5.54 11.77 17.99
CA GLY A 78 -4.10 11.58 18.15
C GLY A 78 -3.54 10.26 17.66
N ARG A 79 -4.24 9.55 16.77
CA ARG A 79 -3.71 8.29 16.23
C ARG A 79 -2.31 8.50 15.67
N TYR A 80 -2.06 9.65 15.07
CA TYR A 80 -0.76 9.93 14.43
C TYR A 80 0.10 10.86 15.28
N ASP A 81 -0.19 10.97 16.58
CA ASP A 81 0.52 11.88 17.49
C ASP A 81 2.03 11.69 17.33
N SER A 82 2.47 10.44 17.32
CA SER A 82 3.89 10.15 17.39
C SER A 82 4.64 10.54 16.12
N LEU A 83 3.96 10.91 15.04
CA LEU A 83 4.65 11.41 13.86
C LEU A 83 5.24 12.80 14.06
N ASP A 84 4.79 13.51 15.10
CA ASP A 84 5.25 14.83 15.51
C ASP A 84 6.56 14.79 16.29
N SER A 85 7.02 13.59 16.67
CA SER A 85 8.19 13.46 17.54
C SER A 85 9.45 13.96 16.83
N VAL A 86 10.39 14.46 17.63
CA VAL A 86 11.56 15.18 17.15
C VAL A 86 12.74 14.21 17.25
N GLY A 87 13.47 14.00 16.15
CA GLY A 87 14.58 13.08 16.19
C GLY A 87 15.05 12.73 14.80
N ALA A 88 15.89 11.69 14.71
CA ALA A 88 16.59 11.38 13.46
C ALA A 88 15.72 10.51 12.54
N TRP A 89 14.60 11.08 12.08
CA TRP A 89 13.77 10.39 11.09
C TRP A 89 14.54 10.02 9.83
N LYS A 90 14.27 8.84 9.28
CA LYS A 90 14.96 8.42 8.06
C LYS A 90 14.56 9.30 6.89
N THR A 91 15.54 9.73 6.11
CA THR A 91 15.36 10.67 5.01
C THR A 91 15.38 9.98 3.66
N THR A 92 14.84 10.67 2.66
CA THR A 92 14.98 10.35 1.25
C THR A 92 15.86 11.42 0.63
N ASP A 93 16.90 10.97 -0.07
CA ASP A 93 17.72 11.89 -0.87
C ASP A 93 16.88 12.50 -1.98
N ILE A 94 16.97 13.83 -2.12
CA ILE A 94 16.37 14.53 -3.25
C ILE A 94 17.35 15.60 -3.71
N THR A 95 17.14 16.08 -4.94
CA THR A 95 17.88 17.22 -5.48
C THR A 95 17.05 18.50 -5.35
N ASP A 96 17.69 19.64 -5.65
CA ASP A 96 17.00 20.92 -5.59
C ASP A 96 15.66 20.88 -6.32
N ASP A 97 15.64 20.27 -7.50
CA ASP A 97 14.41 20.03 -8.23
C ASP A 97 13.97 18.59 -8.00
N PHE A 98 12.74 18.41 -7.54
CA PHE A 98 12.24 17.09 -7.18
C PHE A 98 10.75 17.03 -7.42
N THR A 99 10.21 15.81 -7.42
CA THR A 99 8.80 15.58 -7.66
C THR A 99 8.17 14.94 -6.44
N VAL A 100 7.03 15.45 -6.02
CA VAL A 100 6.29 14.82 -4.93
C VAL A 100 5.22 13.95 -5.56
N LYS A 101 5.23 12.68 -5.21
CA LYS A 101 4.37 11.67 -5.83
C LYS A 101 3.41 11.16 -4.77
N LEU A 102 2.11 11.34 -5.02
CA LEU A 102 1.08 10.80 -4.13
C LEU A 102 0.48 9.53 -4.75
N TYR A 103 -0.01 8.66 -3.88
CA TYR A 103 -0.80 7.51 -4.26
C TYR A 103 -2.19 7.64 -3.64
N ASP A 104 -3.23 7.50 -4.48
CA ASP A 104 -4.63 7.71 -4.10
C ASP A 104 -5.44 6.55 -4.66
N GLN A 105 -5.59 5.49 -3.88
CA GLN A 105 -6.27 4.30 -4.37
C GLN A 105 -7.62 4.64 -4.99
N ALA A 106 -8.44 5.41 -4.26
CA ALA A 106 -9.82 5.66 -4.66
C ALA A 106 -9.98 6.77 -5.69
N SER A 107 -8.89 7.34 -6.19
CA SER A 107 -8.94 8.41 -7.19
C SER A 107 -9.94 9.50 -6.81
N HIS A 108 -9.63 10.20 -5.71
CA HIS A 108 -10.51 11.26 -5.23
C HIS A 108 -10.32 12.58 -5.97
N GLY A 109 -9.20 12.75 -6.65
CA GLY A 109 -8.88 14.05 -7.21
C GLY A 109 -8.33 14.96 -6.14
N ALA A 110 -7.91 16.14 -6.59
CA ALA A 110 -7.41 17.16 -5.67
C ALA A 110 -7.84 18.52 -6.19
N ASP A 111 -8.40 19.34 -5.30
CA ASP A 111 -8.68 20.72 -5.63
C ASP A 111 -7.40 21.50 -5.83
N TYR A 112 -6.39 21.20 -5.03
CA TYR A 112 -5.08 21.81 -5.14
C TYR A 112 -4.15 21.06 -4.19
N PHE A 113 -2.85 21.27 -4.41
CA PHE A 113 -1.80 20.86 -3.50
C PHE A 113 -0.94 22.06 -3.11
N GLN A 114 -0.54 22.11 -1.84
CA GLN A 114 0.52 23.00 -1.39
C GLN A 114 1.69 22.15 -0.94
N VAL A 115 2.90 22.51 -1.39
CA VAL A 115 4.12 21.88 -0.89
C VAL A 115 4.94 22.96 -0.21
N TYR A 116 5.27 22.73 1.07
CA TYR A 116 6.15 23.57 1.85
C TYR A 116 7.44 22.80 2.13
N VAL A 117 8.53 23.52 2.38
CA VAL A 117 9.74 22.90 2.88
C VAL A 117 10.28 23.70 4.06
N THR A 118 10.89 23.01 5.04
CA THR A 118 11.52 23.70 6.16
C THR A 118 12.66 24.60 5.67
N ARG A 119 12.74 25.82 6.23
CA ARG A 119 13.76 26.75 5.79
C ARG A 119 15.14 26.27 6.20
N GLN A 120 16.14 26.63 5.39
CA GLN A 120 17.53 26.39 5.76
C GLN A 120 17.79 27.03 7.12
N GLY A 121 18.49 26.28 8.00
CA GLY A 121 18.67 26.66 9.38
C GLY A 121 17.82 25.88 10.37
N PHE A 122 16.76 25.23 9.89
CA PHE A 122 15.91 24.41 10.75
C PHE A 122 16.45 22.97 10.79
N ASP A 123 16.57 22.42 12.00
CA ASP A 123 17.06 21.05 12.18
C ASP A 123 15.89 20.19 12.66
N PRO A 124 15.29 19.39 11.78
CA PRO A 124 14.17 18.53 12.19
C PRO A 124 14.53 17.50 13.24
N ALA A 125 15.81 17.17 13.39
CA ALA A 125 16.27 16.22 14.37
C ALA A 125 16.40 16.81 15.78
N ALA A 126 16.27 18.13 15.91
CA ALA A 126 16.45 18.81 17.20
C ALA A 126 15.36 19.81 17.50
N GLU A 127 14.57 20.21 16.53
CA GLU A 127 13.59 21.27 16.68
C GLU A 127 12.20 20.76 16.32
N ALA A 128 11.20 21.30 17.02
CA ALA A 128 9.83 21.01 16.71
C ALA A 128 9.39 21.76 15.45
N LEU A 129 8.53 21.11 14.66
CA LEU A 129 8.09 21.68 13.39
C LEU A 129 6.98 22.68 13.64
N THR A 130 7.22 23.93 13.26
CA THR A 130 6.19 24.95 13.35
C THR A 130 5.97 25.61 11.99
N TRP A 131 4.83 26.27 11.85
CA TRP A 131 4.52 26.90 10.58
C TRP A 131 5.55 27.95 10.18
N SER A 132 6.07 28.74 11.14
CA SER A 132 7.10 29.74 10.80
C SER A 132 8.39 29.12 10.30
N ASP A 133 8.58 27.81 10.45
CA ASP A 133 9.76 27.16 9.90
C ASP A 133 9.59 26.77 8.44
N LEU A 134 8.39 26.86 7.90
CA LEU A 134 8.08 26.41 6.55
C LEU A 134 8.10 27.58 5.55
N GLN A 135 8.41 27.24 4.31
CA GLN A 135 8.39 28.13 3.15
C GLN A 135 7.62 27.41 2.06
N LEU A 136 6.63 28.07 1.47
CA LEU A 136 5.85 27.45 0.39
C LEU A 136 6.70 27.39 -0.87
N VAL A 137 6.87 26.20 -1.43
CA VAL A 137 7.69 26.06 -2.62
C VAL A 137 6.93 25.57 -3.85
N ALA A 138 5.78 24.91 -3.70
CA ALA A 138 4.96 24.58 -4.86
C ALA A 138 3.50 24.78 -4.49
N GLU A 139 2.70 25.23 -5.45
CA GLU A 139 1.25 25.28 -5.26
C GLU A 139 0.58 25.05 -6.60
N THR A 140 -0.39 24.16 -6.63
CA THR A 140 -0.96 23.72 -7.89
C THR A 140 -2.43 24.10 -7.99
N GLY A 141 -2.95 23.94 -9.20
CA GLY A 141 -4.36 23.94 -9.46
C GLY A 141 -4.94 22.55 -9.26
N ARG A 142 -6.18 22.40 -9.73
CA ARG A 142 -6.89 21.13 -9.59
C ARG A 142 -6.19 20.01 -10.33
N TYR A 143 -6.22 18.81 -9.74
CA TYR A 143 -5.87 17.57 -10.41
C TYR A 143 -7.13 16.72 -10.58
N ALA A 144 -7.37 16.29 -11.81
CA ALA A 144 -8.44 15.34 -12.08
C ALA A 144 -8.18 14.04 -11.31
N PRO A 145 -9.25 13.30 -10.99
CA PRO A 145 -9.08 12.01 -10.32
C PRO A 145 -8.07 11.10 -10.99
N SER A 146 -7.21 10.52 -10.19
CA SER A 146 -6.21 9.56 -10.67
C SER A 146 -5.78 8.73 -9.48
N GLN A 147 -5.00 7.68 -9.76
CA GLN A 147 -4.41 6.92 -8.68
C GLN A 147 -3.03 7.43 -8.27
N ASN A 148 -2.39 8.24 -9.10
CA ASN A 148 -1.12 8.87 -8.76
C ASN A 148 -1.17 10.33 -9.19
N TYR A 149 -0.74 11.20 -8.29
CA TYR A 149 -0.53 12.61 -8.57
C TYR A 149 0.95 12.91 -8.41
N GLU A 150 1.48 13.73 -9.31
CA GLU A 150 2.87 14.16 -9.25
C GLU A 150 2.91 15.68 -9.22
N ILE A 151 3.64 16.23 -8.27
CA ILE A 151 3.81 17.68 -8.13
C ILE A 151 5.28 17.99 -8.39
N PRO A 152 5.60 18.67 -9.49
CA PRO A 152 7.00 19.08 -9.71
C PRO A 152 7.34 20.27 -8.82
N VAL A 153 8.50 20.21 -8.20
CA VAL A 153 8.92 21.23 -7.24
C VAL A 153 10.30 21.71 -7.65
N THR A 154 10.50 23.03 -7.63
CA THR A 154 11.80 23.63 -7.92
C THR A 154 12.21 24.46 -6.73
N THR A 155 13.42 24.23 -6.22
CA THR A 155 13.99 25.01 -5.13
C THR A 155 15.45 25.34 -5.44
N SER A 156 15.99 26.24 -4.63
CA SER A 156 17.40 26.59 -4.74
C SER A 156 17.91 26.96 -3.36
N GLY A 157 19.21 26.76 -3.14
CA GLY A 157 19.85 27.13 -1.90
C GLY A 157 19.57 26.24 -0.70
N LEU A 158 19.01 25.05 -0.91
CA LEU A 158 18.67 24.18 0.21
C LEU A 158 19.66 23.03 0.30
N SER A 159 20.03 22.67 1.52
CA SER A 159 20.99 21.59 1.71
C SER A 159 20.70 20.85 2.99
N GLY A 160 21.02 19.57 3.00
CA GLY A 160 20.95 18.79 4.21
C GLY A 160 19.52 18.41 4.57
N ARG A 161 19.33 18.17 5.86
CA ARG A 161 18.09 17.57 6.36
C ARG A 161 16.98 18.61 6.41
N HIS A 162 15.86 18.31 5.74
CA HIS A 162 14.66 19.15 5.82
C HIS A 162 13.45 18.26 6.04
N VAL A 163 12.29 18.91 6.21
CA VAL A 163 10.99 18.26 6.10
C VAL A 163 10.22 18.93 4.97
N VAL A 164 9.67 18.11 4.08
CA VAL A 164 8.66 18.54 3.11
C VAL A 164 7.29 18.32 3.72
N TYR A 165 6.43 19.31 3.60
CA TYR A 165 5.08 19.21 4.13
C TYR A 165 4.15 19.37 2.94
N THR A 166 3.48 18.28 2.57
CA THR A 166 2.54 18.29 1.47
C THR A 166 1.12 18.36 2.00
N ILE A 167 0.33 19.30 1.49
CA ILE A 167 -1.07 19.45 1.87
C ILE A 167 -1.92 19.11 0.64
N TRP A 168 -2.79 18.12 0.81
CA TRP A 168 -3.62 17.56 -0.26
C TRP A 168 -5.07 17.86 0.08
N GLN A 169 -5.67 18.75 -0.70
CA GLN A 169 -7.09 19.06 -0.57
C GLN A 169 -7.87 18.16 -1.53
N ALA A 170 -8.55 17.16 -0.99
CA ALA A 170 -9.23 16.18 -1.83
C ALA A 170 -10.45 16.82 -2.50
N SER A 171 -10.85 16.25 -3.64
CA SER A 171 -11.92 16.84 -4.43
C SER A 171 -13.30 16.30 -4.09
N HIS A 172 -13.39 15.09 -3.54
CA HIS A 172 -14.70 14.49 -3.32
C HIS A 172 -15.44 15.11 -2.14
N MET A 173 -14.72 15.75 -1.21
CA MET A 173 -15.31 16.45 -0.08
C MET A 173 -14.23 17.35 0.51
N ASP A 174 -14.62 18.14 1.53
CA ASP A 174 -13.63 18.91 2.28
C ASP A 174 -12.87 17.94 3.18
N GLN A 175 -11.81 17.38 2.61
CA GLN A 175 -10.95 16.41 3.28
C GLN A 175 -9.53 16.82 2.94
N THR A 176 -8.68 17.02 3.94
CA THR A 176 -7.33 17.53 3.72
C THR A 176 -6.32 16.63 4.41
N TYR A 177 -5.31 16.22 3.65
CA TYR A 177 -4.23 15.35 4.11
C TYR A 177 -3.02 16.20 4.43
N PHE A 178 -2.36 15.91 5.55
CA PHE A 178 -1.22 16.71 6.00
C PHE A 178 -0.03 15.74 6.13
N LEU A 179 0.90 15.80 5.19
CA LEU A 179 1.87 14.72 4.99
C LEU A 179 3.30 15.24 5.13
N CYS A 180 3.99 14.82 6.20
CA CYS A 180 5.39 15.18 6.43
C CYS A 180 6.27 14.12 5.79
N SER A 181 7.29 14.58 5.06
CA SER A 181 8.30 13.72 4.47
C SER A 181 9.67 14.27 4.86
N ASP A 182 10.51 13.42 5.46
CA ASP A 182 11.89 13.80 5.75
C ASP A 182 12.74 13.61 4.52
N VAL A 183 13.59 14.60 4.24
CA VAL A 183 14.36 14.61 3.00
C VAL A 183 15.76 15.09 3.36
N ASN A 184 16.68 14.82 2.45
CA ASN A 184 18.07 15.25 2.53
C ASN A 184 18.41 15.79 1.15
N PHE A 185 18.62 17.10 1.06
CA PHE A 185 18.99 17.73 -0.20
C PHE A 185 20.48 17.49 -0.48
N THR A 186 20.78 16.86 -1.63
CA THR A 186 22.14 16.63 -2.10
C THR A 186 22.24 16.95 -3.58
N HIS A 187 23.46 16.91 -4.11
CA HIS A 187 23.67 16.97 -5.55
C HIS A 187 23.61 15.60 -6.23
N HIS A 188 23.43 14.52 -5.46
CA HIS A 188 23.46 13.17 -6.00
C HIS A 188 22.08 12.74 -6.47
N HIS A 189 22.00 12.24 -7.70
CA HIS A 189 20.80 11.60 -8.22
C HIS A 189 20.85 10.10 -7.95
N HIS A 190 19.68 9.52 -7.68
CA HIS A 190 19.57 8.08 -7.48
C HIS A 190 18.25 7.54 -8.03
N HIS B 1 7.47 -4.92 -2.44
CA HIS B 1 6.17 -5.22 -1.84
C HIS B 1 5.03 -4.81 -2.79
N GLY B 2 3.90 -5.49 -2.69
CA GLY B 2 2.79 -5.26 -3.59
C GLY B 2 1.84 -6.45 -3.59
N SER B 3 0.89 -6.41 -4.53
CA SER B 3 -0.08 -7.50 -4.70
C SER B 3 -0.77 -7.30 -6.05
N VAL B 4 -1.66 -8.23 -6.38
CA VAL B 4 -2.57 -8.08 -7.52
C VAL B 4 -3.76 -7.23 -7.08
N VAL B 5 -3.99 -6.13 -7.79
CA VAL B 5 -5.07 -5.21 -7.46
C VAL B 5 -6.29 -5.34 -8.38
N ASP B 6 -6.16 -5.93 -9.56
CA ASP B 6 -7.29 -6.15 -10.45
C ASP B 6 -7.02 -7.41 -11.28
N PRO B 7 -7.82 -8.49 -11.11
CA PRO B 7 -8.92 -8.58 -10.15
C PRO B 7 -8.38 -8.69 -8.72
N ALA B 8 -8.99 -7.95 -7.78
CA ALA B 8 -8.38 -7.79 -6.45
C ALA B 8 -8.10 -9.14 -5.81
N SER B 9 -6.86 -9.31 -5.33
CA SER B 9 -6.54 -10.50 -4.55
C SER B 9 -7.35 -10.54 -3.25
N ARG B 10 -7.29 -11.71 -2.59
CA ARG B 10 -8.16 -11.98 -1.45
C ARG B 10 -7.91 -11.02 -0.30
N ASN B 11 -6.65 -10.83 0.07
CA ASN B 11 -6.43 -9.94 1.22
C ASN B 11 -6.34 -8.47 0.81
N TYR B 12 -5.84 -8.16 -0.38
CA TYR B 12 -5.98 -6.79 -0.85
C TYR B 12 -7.45 -6.40 -0.91
N GLY B 13 -8.31 -7.32 -1.35
CA GLY B 13 -9.73 -7.01 -1.45
C GLY B 13 -10.36 -6.80 -0.09
N CYS B 14 -10.02 -7.64 0.89
CA CYS B 14 -10.56 -7.45 2.24
C CYS B 14 -10.08 -6.12 2.84
N TRP B 15 -8.84 -5.73 2.55
CA TRP B 15 -8.33 -4.45 3.05
C TRP B 15 -9.01 -3.29 2.32
N LEU B 16 -9.11 -3.39 1.00
CA LEU B 16 -9.73 -2.33 0.23
C LEU B 16 -11.18 -2.10 0.65
N ARG B 17 -11.94 -3.17 0.87
CA ARG B 17 -13.38 -3.01 1.11
C ARG B 17 -13.74 -2.74 2.58
N TRP B 18 -12.87 -3.09 3.51
CA TRP B 18 -13.21 -3.04 4.92
C TRP B 18 -12.20 -2.28 5.78
N GLY B 19 -11.07 -1.87 5.20
CA GLY B 19 -10.02 -1.26 6.02
C GLY B 19 -10.47 -0.01 6.74
N ASP B 20 -11.34 0.78 6.12
CA ASP B 20 -11.82 2.00 6.76
C ASP B 20 -13.03 1.74 7.65
N ASP B 21 -13.41 0.48 7.85
CA ASP B 21 -14.55 0.14 8.68
C ASP B 21 -14.49 -1.32 9.08
N PHE B 22 -13.36 -1.75 9.62
CA PHE B 22 -13.13 -3.16 9.89
C PHE B 22 -13.97 -3.68 11.05
N GLN B 23 -14.76 -2.83 11.69
CA GLN B 23 -15.62 -3.20 12.81
C GLN B 23 -17.09 -3.28 12.45
N ASN B 24 -17.45 -3.06 11.19
CA ASN B 24 -18.85 -3.01 10.81
C ASN B 24 -19.54 -4.32 11.16
N PRO B 25 -20.57 -4.31 12.02
CA PRO B 25 -21.25 -5.57 12.38
C PRO B 25 -21.92 -6.27 11.21
N ALA B 26 -22.12 -5.57 10.09
CA ALA B 26 -22.71 -6.20 8.92
C ALA B 26 -21.71 -7.00 8.09
N MET B 27 -20.41 -6.95 8.42
CA MET B 27 -19.41 -7.67 7.63
C MET B 27 -19.68 -9.17 7.67
N GLU B 28 -19.99 -9.71 8.86
CA GLU B 28 -20.31 -11.12 9.00
C GLU B 28 -21.33 -11.56 7.97
N GLN B 29 -22.42 -10.80 7.85
CA GLN B 29 -23.41 -11.10 6.82
C GLN B 29 -22.89 -10.76 5.43
N GLU B 30 -22.27 -9.59 5.29
CA GLU B 30 -21.95 -9.07 3.96
C GLU B 30 -20.83 -9.86 3.30
N ASP B 31 -19.79 -10.22 4.06
CA ASP B 31 -18.54 -10.70 3.49
C ASP B 31 -17.90 -11.73 4.43
N PRO B 32 -18.53 -12.89 4.58
CA PRO B 32 -18.10 -13.79 5.66
C PRO B 32 -16.66 -14.26 5.57
N MET B 33 -16.08 -14.36 4.37
CA MET B 33 -14.69 -14.80 4.29
C MET B 33 -13.74 -13.68 4.71
N CYS B 34 -14.08 -12.42 4.38
CA CYS B 34 -13.26 -11.35 4.92
C CYS B 34 -13.44 -11.25 6.43
N TRP B 35 -14.65 -11.48 6.92
CA TRP B 35 -14.91 -11.41 8.36
C TRP B 35 -14.02 -12.37 9.13
N GLN B 36 -13.94 -13.64 8.70
CA GLN B 36 -13.09 -14.60 9.41
C GLN B 36 -11.60 -14.29 9.25
N ALA B 37 -11.21 -13.66 8.14
CA ALA B 37 -9.83 -13.22 8.01
C ALA B 37 -9.51 -12.08 8.99
N TRP B 38 -10.35 -11.04 9.04
CA TRP B 38 -10.13 -9.96 10.01
C TRP B 38 -10.16 -10.47 11.45
N GLN B 39 -11.00 -11.47 11.74
CA GLN B 39 -11.08 -11.99 13.09
C GLN B 39 -9.85 -12.78 13.47
N ALA B 40 -9.23 -13.45 12.50
CA ALA B 40 -8.04 -14.29 12.71
C ALA B 40 -6.78 -13.47 12.88
N ASP B 41 -6.52 -12.53 11.94
CA ASP B 41 -5.27 -11.79 11.90
C ASP B 41 -5.50 -10.52 11.08
N PRO B 42 -5.83 -9.40 11.74
CA PRO B 42 -6.00 -8.14 11.00
C PRO B 42 -4.80 -7.76 10.14
N ASN B 43 -3.59 -8.20 10.53
CA ASN B 43 -2.39 -7.81 9.80
C ASN B 43 -2.24 -8.53 8.47
N ALA B 44 -2.96 -9.64 8.26
CA ALA B 44 -3.08 -10.20 6.92
C ALA B 44 -3.63 -9.17 5.94
N MET B 45 -4.45 -8.23 6.44
CA MET B 45 -4.94 -7.14 5.62
C MET B 45 -4.09 -5.88 5.78
N TRP B 46 -3.77 -5.48 7.01
CA TRP B 46 -2.98 -4.27 7.20
C TRP B 46 -1.64 -4.36 6.49
N ASN B 47 -1.05 -5.55 6.44
CA ASN B 47 0.14 -5.78 5.65
C ASN B 47 -0.17 -6.65 4.44
N TRP B 48 -1.13 -6.21 3.64
CA TRP B 48 -1.56 -6.97 2.47
C TRP B 48 -0.45 -7.12 1.45
N ASN B 49 0.62 -6.31 1.55
CA ASN B 49 1.65 -6.22 0.53
C ASN B 49 2.80 -7.17 0.78
N GLY B 50 2.77 -7.97 1.84
CA GLY B 50 3.89 -8.86 2.09
C GLY B 50 3.68 -10.35 1.88
N LEU B 51 2.83 -10.76 0.93
CA LEU B 51 2.55 -12.20 0.77
C LEU B 51 3.57 -12.77 -0.21
N TYR B 52 4.78 -12.98 0.30
CA TYR B 52 5.87 -13.51 -0.51
C TYR B 52 6.70 -14.50 0.31
N ARG B 53 7.45 -15.33 -0.40
CA ARG B 53 8.46 -16.22 0.17
C ARG B 53 9.84 -15.79 -0.33
N ASN B 54 10.87 -16.17 0.42
CA ASN B 54 12.25 -15.87 0.09
C ASN B 54 12.97 -17.15 -0.27
N GLY B 55 13.77 -17.12 -1.34
CA GLY B 55 14.56 -18.26 -1.72
C GLY B 55 13.80 -19.43 -2.29
N SER B 56 12.70 -19.17 -3.01
CA SER B 56 11.89 -20.28 -3.54
C SER B 56 12.60 -21.00 -4.69
N GLY B 57 13.42 -20.29 -5.45
CA GLY B 57 14.27 -20.90 -6.44
C GLY B 57 13.57 -21.51 -7.65
N GLY B 58 12.29 -21.19 -7.87
CA GLY B 58 11.55 -21.72 -8.98
C GLY B 58 10.70 -22.93 -8.68
N ASP B 59 11.05 -23.72 -7.66
CA ASP B 59 10.32 -24.95 -7.35
C ASP B 59 9.16 -24.62 -6.42
N PHE B 60 8.08 -24.12 -7.02
CA PHE B 60 6.99 -23.59 -6.22
C PHE B 60 6.23 -24.67 -5.44
N PRO B 61 5.84 -25.81 -6.04
CA PRO B 61 5.13 -26.82 -5.23
C PRO B 61 5.93 -27.33 -4.05
N ALA B 62 7.25 -27.40 -4.17
CA ALA B 62 8.07 -27.88 -3.07
C ALA B 62 7.97 -27.00 -1.83
N ALA B 63 7.64 -25.71 -2.00
CA ALA B 63 7.53 -24.76 -0.90
C ALA B 63 6.10 -24.34 -0.57
N VAL B 64 5.10 -24.80 -1.33
CA VAL B 64 3.72 -24.38 -1.14
C VAL B 64 2.84 -25.62 -1.17
N PRO B 65 2.54 -26.22 -0.03
CA PRO B 65 1.76 -27.45 -0.03
C PRO B 65 0.34 -27.22 -0.52
N ASP B 66 -0.25 -28.30 -1.05
CA ASP B 66 -1.65 -28.27 -1.40
C ASP B 66 -2.46 -27.79 -0.21
N GLY B 67 -3.52 -27.01 -0.48
CA GLY B 67 -4.30 -26.40 0.59
C GLY B 67 -3.70 -25.13 1.18
N GLN B 68 -2.44 -24.82 0.90
CA GLN B 68 -1.82 -23.59 1.37
C GLN B 68 -1.44 -22.65 0.22
N LEU B 69 -2.09 -22.80 -0.94
CA LEU B 69 -1.66 -21.97 -2.07
C LEU B 69 -1.91 -20.50 -1.78
N CYS B 70 -3.07 -20.16 -1.20
CA CYS B 70 -3.42 -18.76 -1.09
C CYS B 70 -2.74 -18.06 0.07
N SER B 71 -2.12 -18.80 1.01
CA SER B 71 -1.33 -18.22 2.08
C SER B 71 0.14 -18.22 1.75
N GLY B 72 0.50 -18.62 0.53
CA GLY B 72 1.90 -18.71 0.14
C GLY B 72 2.64 -19.78 0.90
N GLY B 73 1.98 -20.91 1.14
CA GLY B 73 2.51 -21.95 2.02
C GLY B 73 2.67 -21.51 3.46
N ARG B 74 1.70 -20.76 3.99
CA ARG B 74 1.76 -20.27 5.37
C ARG B 74 3.04 -19.47 5.62
N THR B 75 3.40 -18.64 4.63
CA THR B 75 4.59 -17.81 4.76
C THR B 75 4.45 -16.86 5.96
N GLU B 76 5.59 -16.36 6.45
CA GLU B 76 5.60 -15.45 7.58
C GLU B 76 4.83 -16.03 8.77
N SER B 77 5.22 -17.24 9.16
CA SER B 77 4.60 -17.98 10.27
C SER B 77 3.08 -18.04 10.13
N GLY B 78 2.58 -18.26 8.92
CA GLY B 78 1.16 -18.42 8.73
C GLY B 78 0.33 -17.15 8.86
N ARG B 79 0.95 -15.98 8.67
CA ARG B 79 0.23 -14.73 8.82
C ARG B 79 -1.01 -14.67 7.93
N TYR B 80 -0.95 -15.31 6.76
CA TYR B 80 -2.06 -15.25 5.80
C TYR B 80 -2.82 -16.57 5.70
N ASP B 81 -2.86 -17.36 6.78
CA ASP B 81 -3.51 -18.67 6.71
C ASP B 81 -5.03 -18.58 6.58
N SER B 82 -5.66 -17.49 7.02
CA SER B 82 -7.11 -17.37 6.82
C SER B 82 -7.47 -17.25 5.35
N LEU B 83 -6.50 -16.94 4.48
CA LEU B 83 -6.74 -16.90 3.04
C LEU B 83 -6.78 -18.30 2.43
N ASP B 84 -6.47 -19.33 3.20
CA ASP B 84 -6.68 -20.72 2.78
C ASP B 84 -8.08 -21.23 3.09
N SER B 85 -8.86 -20.49 3.87
CA SER B 85 -10.20 -20.95 4.25
C SER B 85 -11.09 -21.15 3.02
N VAL B 86 -12.07 -22.07 3.15
CA VAL B 86 -12.99 -22.41 2.07
C VAL B 86 -14.34 -21.77 2.35
N GLY B 87 -14.88 -21.05 1.38
CA GLY B 87 -16.19 -20.43 1.52
C GLY B 87 -16.44 -19.48 0.37
N ALA B 88 -17.52 -18.69 0.51
CA ALA B 88 -17.95 -17.80 -0.55
C ALA B 88 -17.12 -16.50 -0.57
N TRP B 89 -15.88 -16.62 -1.02
CA TRP B 89 -15.05 -15.42 -1.16
C TRP B 89 -15.67 -14.46 -2.18
N LYS B 90 -15.53 -13.17 -1.95
CA LYS B 90 -16.14 -12.19 -2.85
C LYS B 90 -15.43 -12.23 -4.18
N THR B 91 -16.20 -12.26 -5.27
CA THR B 91 -15.63 -12.37 -6.60
C THR B 91 -15.68 -11.05 -7.36
N THR B 92 -14.81 -10.92 -8.35
N THR B 92 -14.75 -10.89 -8.29
CA THR B 92 -14.88 -9.85 -9.32
CA THR B 92 -14.82 -9.88 -9.34
C THR B 92 -15.31 -10.45 -10.65
C THR B 92 -15.37 -10.53 -10.61
N ASP B 93 -16.42 -9.93 -11.18
CA ASP B 93 -16.91 -10.41 -12.47
C ASP B 93 -15.90 -10.09 -13.56
N ILE B 94 -15.57 -11.08 -14.40
CA ILE B 94 -14.64 -10.89 -15.51
C ILE B 94 -15.18 -11.60 -16.75
N THR B 95 -14.64 -11.21 -17.89
CA THR B 95 -14.92 -11.87 -19.16
C THR B 95 -13.84 -12.91 -19.45
N ASP B 96 -13.96 -13.60 -20.60
CA ASP B 96 -13.02 -14.66 -20.93
C ASP B 96 -11.61 -14.12 -21.10
N ASP B 97 -11.49 -12.91 -21.64
CA ASP B 97 -10.22 -12.20 -21.76
C ASP B 97 -10.14 -11.11 -20.69
N PHE B 98 -9.03 -11.08 -19.96
CA PHE B 98 -8.89 -10.14 -18.87
C PHE B 98 -7.41 -9.87 -18.64
N THR B 99 -7.12 -8.74 -17.99
N THR B 99 -7.12 -8.76 -17.96
CA THR B 99 -5.76 -8.33 -17.70
CA THR B 99 -5.74 -8.34 -17.71
C THR B 99 -5.54 -8.37 -16.19
C THR B 99 -5.49 -8.31 -16.21
N VAL B 100 -4.48 -9.05 -15.77
CA VAL B 100 -4.10 -9.07 -14.36
C VAL B 100 -3.20 -7.87 -14.10
N LYS B 101 -3.61 -7.02 -13.16
CA LYS B 101 -2.91 -5.77 -12.85
C LYS B 101 -2.29 -5.88 -11.47
N LEU B 102 -0.98 -5.67 -11.40
CA LEU B 102 -0.25 -5.68 -10.15
C LEU B 102 0.22 -4.28 -9.83
N TYR B 103 0.30 -4.00 -8.53
CA TYR B 103 0.84 -2.76 -7.99
C TYR B 103 2.09 -3.13 -7.20
N ASP B 104 3.25 -2.56 -7.59
CA ASP B 104 4.56 -2.80 -6.98
C ASP B 104 5.01 -1.52 -6.29
N GLN B 105 4.96 -1.51 -4.95
CA GLN B 105 5.37 -0.37 -4.14
C GLN B 105 6.88 -0.14 -4.12
N ALA B 106 7.66 -1.00 -4.76
CA ALA B 106 9.12 -0.86 -4.77
C ALA B 106 9.76 -0.83 -6.15
N SER B 107 8.99 -1.00 -7.22
CA SER B 107 9.52 -1.00 -8.59
C SER B 107 10.74 -1.91 -8.71
N HIS B 108 10.56 -3.18 -8.33
CA HIS B 108 11.66 -4.14 -8.38
C HIS B 108 11.76 -4.86 -9.72
N GLY B 109 10.68 -4.89 -10.51
CA GLY B 109 10.64 -5.68 -11.73
C GLY B 109 10.22 -7.11 -11.45
N ALA B 110 10.18 -7.91 -12.53
CA ALA B 110 9.85 -9.32 -12.42
C ALA B 110 10.68 -10.12 -13.41
N ASP B 111 11.27 -11.25 -12.95
CA ASP B 111 11.86 -12.21 -13.86
C ASP B 111 10.80 -12.79 -14.79
N TYR B 112 9.64 -13.10 -14.24
CA TYR B 112 8.50 -13.59 -15.02
C TYR B 112 7.29 -13.57 -14.10
N PHE B 113 6.12 -13.71 -14.72
CA PHE B 113 4.89 -14.04 -14.04
C PHE B 113 4.34 -15.34 -14.58
N GLN B 114 3.75 -16.14 -13.69
CA GLN B 114 2.99 -17.31 -14.08
C GLN B 114 1.57 -17.12 -13.56
N VAL B 115 0.60 -17.16 -14.46
CA VAL B 115 -0.81 -16.98 -14.09
C VAL B 115 -1.55 -18.27 -14.34
N TYR B 116 -2.22 -18.77 -13.32
CA TYR B 116 -3.05 -19.96 -13.39
C TYR B 116 -4.50 -19.57 -13.12
N VAL B 117 -5.43 -20.37 -13.63
CA VAL B 117 -6.81 -20.29 -13.17
C VAL B 117 -7.26 -21.69 -12.73
N THR B 118 -8.09 -21.75 -11.69
CA THR B 118 -8.67 -23.05 -11.32
C THR B 118 -9.49 -23.60 -12.49
N ARG B 119 -9.30 -24.88 -12.76
CA ARG B 119 -10.00 -25.57 -13.85
C ARG B 119 -11.50 -25.49 -13.66
N GLN B 120 -12.23 -25.57 -14.78
CA GLN B 120 -13.66 -25.83 -14.66
C GLN B 120 -13.85 -27.18 -14.00
N GLY B 121 -14.75 -27.26 -13.02
CA GLY B 121 -14.94 -28.44 -12.21
C GLY B 121 -14.49 -28.30 -10.77
N PHE B 122 -13.54 -27.42 -10.51
CA PHE B 122 -13.10 -27.07 -9.16
C PHE B 122 -14.02 -25.98 -8.60
N ASP B 123 -14.52 -26.19 -7.38
CA ASP B 123 -15.43 -25.25 -6.73
C ASP B 123 -14.73 -24.58 -5.55
N PRO B 124 -14.23 -23.35 -5.70
CA PRO B 124 -13.52 -22.68 -4.59
C PRO B 124 -14.38 -22.47 -3.36
N ALA B 125 -15.71 -22.47 -3.50
CA ALA B 125 -16.55 -22.31 -2.32
C ALA B 125 -16.69 -23.59 -1.51
N ALA B 126 -16.19 -24.72 -2.03
CA ALA B 126 -16.44 -26.04 -1.47
C ALA B 126 -15.19 -26.87 -1.22
N GLU B 127 -14.06 -26.54 -1.81
CA GLU B 127 -12.86 -27.33 -1.58
C GLU B 127 -11.63 -26.43 -1.63
N ALA B 128 -10.56 -26.92 -1.01
CA ALA B 128 -9.30 -26.20 -0.93
C ALA B 128 -8.51 -26.35 -2.22
N LEU B 129 -7.71 -25.34 -2.52
CA LEU B 129 -6.95 -25.29 -3.76
C LEU B 129 -5.76 -26.23 -3.67
N THR B 130 -5.48 -26.94 -4.76
CA THR B 130 -4.30 -27.78 -4.92
C THR B 130 -3.67 -27.43 -6.25
N TRP B 131 -2.38 -27.77 -6.38
CA TRP B 131 -1.68 -27.48 -7.62
C TRP B 131 -2.34 -28.20 -8.81
N SER B 132 -2.77 -29.44 -8.61
CA SER B 132 -3.37 -30.18 -9.73
C SER B 132 -4.68 -29.58 -10.21
N ASP B 133 -5.33 -28.74 -9.40
CA ASP B 133 -6.55 -28.11 -9.87
C ASP B 133 -6.29 -26.89 -10.74
N LEU B 134 -5.03 -26.49 -10.92
CA LEU B 134 -4.68 -25.28 -11.65
C LEU B 134 -4.41 -25.55 -13.12
N GLN B 135 -4.79 -24.58 -13.95
CA GLN B 135 -4.41 -24.53 -15.37
C GLN B 135 -3.58 -23.28 -15.61
N LEU B 136 -2.39 -23.47 -16.20
CA LEU B 136 -1.50 -22.35 -16.49
C LEU B 136 -2.01 -21.60 -17.71
N VAL B 137 -2.52 -20.38 -17.52
CA VAL B 137 -3.13 -19.60 -18.59
C VAL B 137 -2.24 -18.48 -19.08
N ALA B 138 -1.06 -18.29 -18.46
CA ALA B 138 -0.14 -17.25 -18.91
C ALA B 138 1.22 -17.42 -18.25
N GLU B 139 2.25 -17.50 -19.06
CA GLU B 139 3.61 -17.35 -18.61
C GLU B 139 4.21 -16.26 -19.46
N THR B 140 4.91 -15.34 -18.83
CA THR B 140 5.43 -14.14 -19.46
C THR B 140 6.95 -14.18 -19.48
N GLY B 141 7.54 -13.19 -20.14
CA GLY B 141 8.96 -12.91 -20.02
C GLY B 141 9.22 -11.90 -18.92
N ARG B 142 10.42 -11.33 -18.94
CA ARG B 142 10.82 -10.36 -17.92
C ARG B 142 10.03 -9.06 -18.08
N TYR B 143 9.70 -8.42 -16.96
CA TYR B 143 9.11 -7.09 -16.95
C TYR B 143 10.09 -6.11 -16.33
N ALA B 144 10.28 -4.97 -16.99
CA ALA B 144 11.15 -3.94 -16.45
C ALA B 144 10.54 -3.36 -15.18
N PRO B 145 11.37 -2.90 -14.25
CA PRO B 145 10.86 -2.28 -13.02
C PRO B 145 9.84 -1.20 -13.33
N SER B 146 8.75 -1.19 -12.55
CA SER B 146 7.64 -0.29 -12.77
C SER B 146 6.75 -0.32 -11.54
N GLN B 147 5.89 0.71 -11.42
CA GLN B 147 4.92 0.73 -10.33
C GLN B 147 3.76 -0.24 -10.57
N ASN B 148 3.47 -0.56 -11.83
CA ASN B 148 2.39 -1.47 -12.15
C ASN B 148 2.85 -2.42 -13.25
N TYR B 149 2.24 -3.60 -13.26
CA TYR B 149 2.49 -4.58 -14.32
C TYR B 149 1.16 -5.12 -14.80
N GLU B 150 1.05 -5.37 -16.10
CA GLU B 150 -0.20 -5.84 -16.68
C GLU B 150 0.05 -7.12 -17.44
N ILE B 151 -0.70 -8.16 -17.11
CA ILE B 151 -0.60 -9.44 -17.80
C ILE B 151 -1.90 -9.70 -18.54
N PRO B 152 -1.90 -9.64 -19.88
CA PRO B 152 -3.11 -10.00 -20.62
C PRO B 152 -3.29 -11.51 -20.58
N VAL B 153 -4.53 -11.94 -20.33
CA VAL B 153 -4.86 -13.37 -20.26
C VAL B 153 -6.02 -13.63 -21.21
N THR B 154 -5.95 -14.73 -21.94
CA THR B 154 -7.08 -15.17 -22.77
C THR B 154 -7.53 -16.54 -22.29
N THR B 155 -8.85 -16.71 -22.17
CA THR B 155 -9.44 -18.00 -21.79
C THR B 155 -10.66 -18.22 -22.67
N SER B 156 -11.23 -19.42 -22.59
CA SER B 156 -12.48 -19.66 -23.29
C SER B 156 -13.21 -20.84 -22.63
N GLY B 157 -14.54 -20.71 -22.52
CA GLY B 157 -15.40 -21.77 -22.01
C GLY B 157 -15.43 -21.94 -20.51
N LEU B 158 -14.81 -21.04 -19.74
CA LEU B 158 -14.89 -21.06 -18.30
C LEU B 158 -16.16 -20.34 -17.88
N SER B 159 -16.71 -20.74 -16.74
CA SER B 159 -17.94 -20.10 -16.28
C SER B 159 -17.98 -20.17 -14.77
N GLY B 160 -18.57 -19.16 -14.17
CA GLY B 160 -18.83 -19.20 -12.74
C GLY B 160 -17.59 -18.91 -11.91
N ARG B 161 -17.62 -19.40 -10.68
CA ARG B 161 -16.60 -19.05 -9.69
C ARG B 161 -15.30 -19.82 -9.94
N HIS B 162 -14.19 -19.07 -10.04
CA HIS B 162 -12.84 -19.61 -10.19
C HIS B 162 -11.89 -18.82 -9.30
N VAL B 163 -10.64 -19.28 -9.19
CA VAL B 163 -9.61 -18.49 -8.55
C VAL B 163 -8.50 -18.31 -9.58
N VAL B 164 -7.99 -17.08 -9.71
CA VAL B 164 -6.76 -16.80 -10.45
C VAL B 164 -5.60 -16.85 -9.48
N TYR B 165 -4.55 -17.55 -9.86
CA TYR B 165 -3.37 -17.67 -9.02
C TYR B 165 -2.25 -17.00 -9.78
N THR B 166 -1.79 -15.86 -9.29
CA THR B 166 -0.70 -15.12 -9.92
C THR B 166 0.57 -15.35 -9.12
N ILE B 167 1.60 -15.87 -9.79
CA ILE B 167 2.93 -16.04 -9.22
C ILE B 167 3.84 -14.96 -9.81
N TRP B 168 4.36 -14.10 -8.95
CA TRP B 168 5.18 -12.97 -9.33
C TRP B 168 6.58 -13.22 -8.81
N GLN B 169 7.51 -13.49 -9.70
CA GLN B 169 8.92 -13.68 -9.34
C GLN B 169 9.64 -12.35 -9.49
N ALA B 170 10.06 -11.76 -8.37
CA ALA B 170 10.77 -10.49 -8.39
C ALA B 170 12.12 -10.63 -9.07
N SER B 171 12.67 -9.50 -9.50
CA SER B 171 13.88 -9.49 -10.31
C SER B 171 15.16 -9.53 -9.47
N HIS B 172 15.30 -8.59 -8.53
CA HIS B 172 16.60 -8.42 -7.89
C HIS B 172 16.57 -8.93 -6.46
N MET B 173 16.03 -10.15 -6.30
CA MET B 173 16.06 -10.95 -5.10
C MET B 173 15.25 -12.22 -5.39
N ASP B 174 15.57 -13.34 -4.74
CA ASP B 174 14.78 -14.55 -4.92
C ASP B 174 13.56 -14.43 -3.99
N GLN B 175 12.58 -13.67 -4.46
CA GLN B 175 11.38 -13.36 -3.69
C GLN B 175 10.19 -13.58 -4.61
N THR B 176 9.22 -14.35 -4.14
CA THR B 176 8.12 -14.81 -4.96
C THR B 176 6.81 -14.51 -4.25
N TYR B 177 5.89 -13.87 -4.96
CA TYR B 177 4.57 -13.54 -4.43
C TYR B 177 3.56 -14.53 -4.97
N PHE B 178 2.60 -14.92 -4.11
CA PHE B 178 1.58 -15.93 -4.44
C PHE B 178 0.21 -15.30 -4.17
N LEU B 179 -0.45 -14.87 -5.24
CA LEU B 179 -1.65 -14.03 -5.13
C LEU B 179 -2.87 -14.76 -5.67
N CYS B 180 -3.82 -15.07 -4.77
CA CYS B 180 -5.12 -15.63 -5.13
C CYS B 180 -6.13 -14.52 -5.36
N SER B 181 -6.79 -14.55 -6.53
CA SER B 181 -7.90 -13.65 -6.83
C SER B 181 -9.17 -14.43 -7.16
N ASP B 182 -10.25 -14.15 -6.42
CA ASP B 182 -11.52 -14.80 -6.72
C ASP B 182 -12.22 -14.06 -7.83
N VAL B 183 -12.72 -14.81 -8.83
CA VAL B 183 -13.30 -14.26 -10.03
C VAL B 183 -14.56 -15.04 -10.37
N ASN B 184 -15.45 -14.40 -11.11
CA ASN B 184 -16.69 -15.00 -11.58
C ASN B 184 -16.75 -14.75 -13.08
N PHE B 185 -16.51 -15.80 -13.86
CA PHE B 185 -16.59 -15.70 -15.31
C PHE B 185 -18.05 -15.62 -15.69
N THR B 186 -18.45 -14.51 -16.33
CA THR B 186 -19.85 -14.37 -16.69
C THR B 186 -19.97 -13.47 -17.92
N HIS B 187 -21.09 -13.62 -18.63
CA HIS B 187 -21.44 -12.74 -19.74
C HIS B 187 -22.60 -11.82 -19.40
N HIS B 188 -23.03 -11.79 -18.15
CA HIS B 188 -24.22 -11.06 -17.72
C HIS B 188 -23.85 -9.81 -16.94
N HIS B 189 -24.74 -8.81 -17.02
CA HIS B 189 -24.59 -7.50 -16.40
C HIS B 189 -23.25 -6.86 -16.76
#